data_8WJZ
#
_entry.id   8WJZ
#
_cell.length_a   76.944
_cell.length_b   84.096
_cell.length_c   61.908
_cell.angle_alpha   90.00
_cell.angle_beta   100.73
_cell.angle_gamma   90.00
#
_symmetry.space_group_name_H-M   'C 1 2 1'
#
loop_
_entity.id
_entity.type
_entity.pdbx_description
1 polymer '4-hydroxyphenylpyruvate dioxygenase'
2 non-polymer 'COBALT (II) ION'
3 non-polymer 3-(2,6-dimethylphenyl)-1-methyl-6-(2-oxidanyl-6-oxidanylidene-cyclohexen-1-yl)carbonyl-quinazoline-2,4-dione
4 water water
#
_entity_poly.entity_id   1
_entity_poly.type   'polypeptide(L)'
_entity_poly.pdbx_seq_one_letter_code
;GSHMVRKNPKSDKFKVKRFHHIEFWCGDATNVARRFSWGLGMRFSAKSDLSTGNMVHASYLLTSGDLRFLFTAPYSPSLS
AGEIKPTTTASIPSFDHGSCRSFFSSHGLGVRAVAIEVEDAESAFSISVANGAIPSSPPIVLNEAVTIAEVKLYGDVVLR
YVSYKAEDTEKSEFLPGFERVEDASSFPLDYGIRRLDHAVGNVPELGPALTYVAGFTGFHQFAEFTADDVGTAESGLNSA
VLASNDEMVLLPINEPVHGTKRKSQIQTYLEHNEGAGLQHLALMSEDIFRTLREMRKRSSIGGFDFMPSPPPTYYQNLKK
RVGDVLSDDQIKECEELGILVDRDDQGTLLQIFTKPLGDRPTIFIEIIQRVGCMMKDEEGKAYQSGGCGGYGKGNFSELF
KSIEEYEKTLEAKQLVG
;
_entity_poly.pdbx_strand_id   A
#
loop_
_chem_comp.id
_chem_comp.type
_chem_comp.name
_chem_comp.formula
94L non-polymer 3-(2,6-dimethylphenyl)-1-methyl-6-(2-oxidanyl-6-oxidanylidene-cyclohexen-1-yl)carbonyl-quinazoline-2,4-dione 'C24 H22 N2 O5'
CO non-polymer 'COBALT (II) ION' 'Co 2'
#
# COMPACT_ATOMS: atom_id res chain seq x y z
N LYS A 7 -7.10 23.08 6.31
CA LYS A 7 -8.55 23.03 6.22
C LYS A 7 -9.02 21.65 5.75
N ASN A 8 -10.00 21.10 6.48
CA ASN A 8 -10.54 19.78 6.19
C ASN A 8 -12.06 19.91 6.06
N PRO A 9 -12.58 20.01 4.84
CA PRO A 9 -14.03 20.19 4.67
C PRO A 9 -14.86 18.98 5.08
N LYS A 10 -14.24 17.82 5.29
CA LYS A 10 -14.92 16.60 5.71
C LYS A 10 -16.11 16.28 4.79
N SER A 11 -15.77 16.05 3.52
CA SER A 11 -16.77 15.94 2.45
C SER A 11 -16.97 14.51 1.95
N ASP A 12 -16.51 13.50 2.71
CA ASP A 12 -16.72 12.10 2.33
C ASP A 12 -18.18 11.84 1.99
N LYS A 13 -18.41 11.25 0.83
CA LYS A 13 -19.78 11.00 0.40
C LYS A 13 -20.36 9.73 1.02
N PHE A 14 -19.55 8.95 1.73
CA PHE A 14 -20.02 7.81 2.51
C PHE A 14 -19.06 7.60 3.66
N LYS A 15 -19.50 6.82 4.65
CA LYS A 15 -18.71 6.66 5.87
C LYS A 15 -17.55 5.70 5.62
N VAL A 16 -16.33 6.19 5.77
CA VAL A 16 -15.11 5.42 5.57
C VAL A 16 -14.44 5.22 6.92
N LYS A 17 -13.94 4.01 7.17
CA LYS A 17 -13.26 3.75 8.44
C LYS A 17 -11.75 3.70 8.25
N ARG A 18 -11.18 2.53 7.98
CA ARG A 18 -9.74 2.48 7.81
C ARG A 18 -9.39 1.62 6.61
N PHE A 19 -8.13 1.69 6.22
CA PHE A 19 -7.59 0.69 5.31
C PHE A 19 -7.85 -0.70 5.87
N HIS A 20 -8.24 -1.63 5.01
CA HIS A 20 -8.61 -2.98 5.42
C HIS A 20 -7.58 -4.00 4.95
N HIS A 21 -7.26 -4.00 3.66
CA HIS A 21 -6.21 -4.88 3.19
C HIS A 21 -5.71 -4.39 1.83
N ILE A 22 -4.58 -4.96 1.42
CA ILE A 22 -4.00 -4.72 0.10
C ILE A 22 -3.91 -6.08 -0.56
N GLU A 23 -4.41 -6.20 -1.79
CA GLU A 23 -4.31 -7.48 -2.52
C GLU A 23 -3.33 -7.36 -3.69
N PHE A 24 -2.33 -8.25 -3.69
CA PHE A 24 -1.41 -8.43 -4.81
C PHE A 24 -1.95 -9.51 -5.73
N TRP A 25 -1.92 -9.24 -7.02
CA TRP A 25 -2.16 -10.30 -8.00
C TRP A 25 -0.83 -10.82 -8.49
N CYS A 26 -0.72 -12.15 -8.47
CA CYS A 26 0.55 -12.89 -8.55
C CYS A 26 0.42 -13.95 -9.62
N GLY A 27 1.58 -14.45 -10.05
CA GLY A 27 1.56 -15.67 -10.83
C GLY A 27 1.54 -16.90 -9.95
N ASP A 28 2.32 -16.85 -8.87
CA ASP A 28 2.35 -17.91 -7.86
C ASP A 28 2.24 -17.23 -6.50
N ALA A 29 1.09 -17.37 -5.85
CA ALA A 29 0.86 -16.67 -4.59
C ALA A 29 1.74 -17.23 -3.48
N THR A 30 1.97 -18.54 -3.50
CA THR A 30 2.76 -19.20 -2.45
C THR A 30 4.15 -18.58 -2.33
N ASN A 31 4.87 -18.48 -3.46
CA ASN A 31 6.25 -18.01 -3.37
C ASN A 31 6.32 -16.53 -2.99
N VAL A 32 5.40 -15.71 -3.52
CA VAL A 32 5.43 -14.29 -3.16
C VAL A 32 5.07 -14.13 -1.69
N ALA A 33 4.03 -14.84 -1.22
CA ALA A 33 3.63 -14.71 0.18
C ALA A 33 4.74 -15.15 1.12
N ARG A 34 5.43 -16.26 0.80
CA ARG A 34 6.49 -16.72 1.70
C ARG A 34 7.65 -15.73 1.72
N ARG A 35 8.03 -15.20 0.55
CA ARG A 35 9.09 -14.20 0.51
C ARG A 35 8.72 -12.97 1.34
N PHE A 36 7.52 -12.43 1.13
CA PHE A 36 7.07 -11.26 1.87
C PHE A 36 6.99 -11.53 3.38
N SER A 37 6.51 -12.72 3.77
CA SER A 37 6.40 -13.06 5.19
C SER A 37 7.75 -12.93 5.88
N TRP A 38 8.77 -13.55 5.29
CA TRP A 38 10.11 -13.50 5.87
C TRP A 38 10.72 -12.10 5.78
N GLY A 39 10.53 -11.42 4.66
CA GLY A 39 11.18 -10.14 4.45
C GLY A 39 10.62 -9.03 5.33
N LEU A 40 9.32 -9.06 5.61
CA LEU A 40 8.63 -8.00 6.33
C LEU A 40 8.23 -8.38 7.76
N GLY A 41 8.34 -9.65 8.12
CA GLY A 41 7.95 -10.11 9.42
C GLY A 41 6.44 -10.15 9.60
N MET A 42 5.74 -10.78 8.65
CA MET A 42 4.31 -10.94 8.72
C MET A 42 3.95 -12.40 8.88
N ARG A 43 2.92 -12.67 9.67
CA ARG A 43 2.49 -14.03 9.93
C ARG A 43 1.47 -14.47 8.89
N PHE A 44 1.53 -15.75 8.51
CA PHE A 44 0.45 -16.37 7.74
C PHE A 44 -0.79 -16.51 8.63
N SER A 45 -1.88 -15.85 8.24
CA SER A 45 -3.06 -15.74 9.07
C SER A 45 -4.28 -16.46 8.54
N ALA A 46 -4.46 -16.54 7.22
CA ALA A 46 -5.64 -17.16 6.66
C ALA A 46 -5.35 -17.61 5.24
N LYS A 47 -6.14 -18.56 4.75
CA LYS A 47 -5.96 -19.05 3.39
C LYS A 47 -7.30 -19.39 2.77
N SER A 48 -7.35 -19.32 1.44
CA SER A 48 -8.47 -19.79 0.65
C SER A 48 -7.83 -20.41 -0.58
N ASP A 49 -7.93 -21.72 -0.73
CA ASP A 49 -7.21 -22.41 -1.80
C ASP A 49 -7.84 -23.80 -1.97
N LEU A 50 -7.15 -24.68 -2.70
CA LEU A 50 -7.72 -26.01 -2.94
C LEU A 50 -8.09 -26.71 -1.64
N SER A 51 -7.27 -26.54 -0.61
CA SER A 51 -7.51 -27.22 0.66
C SER A 51 -8.74 -26.70 1.39
N THR A 52 -9.29 -25.55 0.99
CA THR A 52 -10.51 -25.03 1.59
C THR A 52 -11.68 -25.12 0.63
N GLY A 53 -11.52 -25.82 -0.50
CA GLY A 53 -12.58 -26.00 -1.46
C GLY A 53 -12.61 -24.99 -2.58
N ASN A 54 -11.65 -24.07 -2.64
CA ASN A 54 -11.60 -23.04 -3.67
C ASN A 54 -10.89 -23.61 -4.90
N MET A 55 -11.64 -23.85 -5.97
CA MET A 55 -11.08 -24.41 -7.20
C MET A 55 -10.69 -23.35 -8.20
N VAL A 56 -10.82 -22.07 -7.83
CA VAL A 56 -10.67 -20.94 -8.73
C VAL A 56 -9.34 -20.23 -8.52
N HIS A 57 -9.07 -19.81 -7.30
CA HIS A 57 -7.88 -19.02 -7.00
C HIS A 57 -7.26 -19.46 -5.69
N ALA A 58 -5.95 -19.25 -5.59
CA ALA A 58 -5.20 -19.45 -4.34
C ALA A 58 -4.95 -18.09 -3.72
N SER A 59 -5.39 -17.91 -2.47
CA SER A 59 -5.26 -16.63 -1.78
C SER A 59 -4.70 -16.86 -0.39
N TYR A 60 -3.61 -16.16 -0.07
CA TYR A 60 -2.97 -16.31 1.23
C TYR A 60 -2.86 -14.94 1.89
N LEU A 61 -3.26 -14.87 3.16
CA LEU A 61 -3.29 -13.62 3.91
C LEU A 61 -2.14 -13.57 4.90
N LEU A 62 -1.34 -12.51 4.84
CA LEU A 62 -0.31 -12.20 5.84
C LEU A 62 -0.75 -11.01 6.68
N THR A 63 -0.43 -11.04 7.97
CA THR A 63 -0.81 -9.93 8.85
C THR A 63 0.37 -9.50 9.71
N SER A 64 0.45 -8.20 9.98
CA SER A 64 1.37 -7.71 11.02
C SER A 64 0.62 -6.58 11.69
N GLY A 65 0.23 -6.77 12.95
CA GLY A 65 -0.65 -5.80 13.56
C GLY A 65 -1.96 -5.69 12.80
N ASP A 66 -2.31 -4.46 12.37
CA ASP A 66 -3.51 -4.25 11.58
C ASP A 66 -3.24 -4.29 10.09
N LEU A 67 -1.98 -4.49 9.67
CA LEU A 67 -1.66 -4.58 8.25
C LEU A 67 -2.06 -5.94 7.71
N ARG A 68 -2.76 -5.95 6.58
CA ARG A 68 -3.21 -7.18 5.94
C ARG A 68 -2.76 -7.16 4.49
N PHE A 69 -1.89 -8.10 4.11
CA PHE A 69 -1.46 -8.28 2.73
C PHE A 69 -2.04 -9.60 2.21
N LEU A 70 -2.78 -9.53 1.12
CA LEU A 70 -3.37 -10.71 0.48
C LEU A 70 -2.64 -10.97 -0.83
N PHE A 71 -2.29 -12.24 -1.08
CA PHE A 71 -1.62 -12.66 -2.31
C PHE A 71 -2.50 -13.67 -3.02
N THR A 72 -2.85 -13.39 -4.27
CA THR A 72 -3.79 -14.21 -5.01
C THR A 72 -3.25 -14.56 -6.38
N ALA A 73 -3.45 -15.81 -6.77
CA ALA A 73 -3.09 -16.28 -8.10
C ALA A 73 -4.16 -17.21 -8.62
N PRO A 74 -4.32 -17.30 -9.94
CA PRO A 74 -5.34 -18.19 -10.50
C PRO A 74 -4.84 -19.61 -10.66
N TYR A 75 -5.74 -20.58 -10.44
CA TYR A 75 -5.49 -21.96 -10.83
C TYR A 75 -5.81 -22.15 -12.31
N SER A 76 -5.54 -23.33 -12.84
CA SER A 76 -6.04 -23.66 -14.16
C SER A 76 -7.55 -23.46 -14.23
N PRO A 77 -8.07 -22.73 -15.22
CA PRO A 77 -9.54 -22.62 -15.37
C PRO A 77 -10.23 -23.96 -15.51
N SER A 78 -9.53 -25.00 -15.97
CA SER A 78 -10.15 -26.31 -16.10
C SER A 78 -10.70 -26.84 -14.77
N LEU A 79 -10.11 -26.44 -13.64
CA LEU A 79 -10.58 -26.98 -12.36
C LEU A 79 -11.99 -26.53 -12.04
N SER A 80 -12.41 -25.40 -12.60
CA SER A 80 -13.69 -24.77 -12.27
C SER A 80 -14.54 -24.59 -13.51
N ALA A 81 -14.24 -25.35 -14.57
CA ALA A 81 -14.89 -25.15 -15.86
C ALA A 81 -16.39 -25.40 -15.78
N GLY A 82 -16.83 -26.24 -14.85
CA GLY A 82 -18.25 -26.50 -14.70
C GLY A 82 -18.99 -25.47 -13.88
N GLU A 83 -18.27 -24.60 -13.16
CA GLU A 83 -18.90 -23.61 -12.32
C GLU A 83 -19.48 -22.47 -13.15
N ILE A 84 -20.50 -21.83 -12.58
CA ILE A 84 -20.99 -20.53 -13.02
C ILE A 84 -20.94 -19.63 -11.80
N LYS A 85 -21.14 -18.32 -12.01
CA LYS A 85 -21.03 -17.41 -10.87
C LYS A 85 -21.96 -17.83 -9.73
N PRO A 86 -23.22 -18.20 -9.96
CA PRO A 86 -24.05 -18.71 -8.85
C PRO A 86 -23.50 -19.91 -8.11
N THR A 87 -22.67 -20.75 -8.75
CA THR A 87 -22.13 -21.95 -8.11
C THR A 87 -20.61 -21.85 -7.86
N THR A 88 -20.06 -20.64 -7.83
CA THR A 88 -18.61 -20.51 -7.78
C THR A 88 -18.05 -21.00 -6.45
N THR A 89 -16.86 -21.59 -6.51
CA THR A 89 -16.11 -21.89 -5.29
C THR A 89 -15.09 -20.80 -4.95
N ALA A 90 -15.00 -19.74 -5.75
CA ALA A 90 -14.14 -18.61 -5.39
C ALA A 90 -14.63 -17.96 -4.11
N SER A 91 -13.70 -17.63 -3.22
CA SER A 91 -14.03 -16.90 -2.01
C SER A 91 -14.07 -15.40 -2.23
N ILE A 92 -13.45 -14.92 -3.30
CA ILE A 92 -13.51 -13.51 -3.67
C ILE A 92 -14.26 -13.44 -4.99
N PRO A 93 -15.56 -13.15 -4.96
CA PRO A 93 -16.38 -13.32 -6.17
C PRO A 93 -16.02 -12.36 -7.30
N SER A 94 -15.32 -11.27 -7.02
CA SER A 94 -14.84 -10.41 -8.08
C SER A 94 -13.70 -11.01 -8.89
N PHE A 95 -13.09 -12.09 -8.42
CA PHE A 95 -11.94 -12.63 -9.14
C PHE A 95 -12.35 -13.16 -10.52
N ASP A 96 -11.49 -12.93 -11.50
CA ASP A 96 -11.68 -13.48 -12.83
C ASP A 96 -10.33 -13.96 -13.37
N HIS A 97 -10.29 -15.22 -13.86
CA HIS A 97 -9.04 -15.78 -14.37
C HIS A 97 -8.42 -14.88 -15.44
N GLY A 98 -9.23 -14.52 -16.44
CA GLY A 98 -8.71 -13.70 -17.53
C GLY A 98 -8.19 -12.36 -17.06
N SER A 99 -8.96 -11.68 -16.19
CA SER A 99 -8.53 -10.41 -15.64
C SER A 99 -7.20 -10.54 -14.92
N CYS A 100 -7.06 -11.57 -14.10
CA CYS A 100 -5.85 -11.73 -13.31
C CYS A 100 -4.66 -12.06 -14.20
N ARG A 101 -4.82 -12.98 -15.15
CA ARG A 101 -3.72 -13.26 -16.06
C ARG A 101 -3.35 -12.03 -16.89
N SER A 102 -4.36 -11.29 -17.34
CA SER A 102 -4.08 -10.09 -18.13
C SER A 102 -3.35 -9.05 -17.30
N PHE A 103 -3.81 -8.83 -16.07
CA PHE A 103 -3.14 -7.90 -15.16
C PHE A 103 -1.67 -8.27 -14.98
N PHE A 104 -1.40 -9.54 -14.66
CA PHE A 104 -0.02 -9.94 -14.36
C PHE A 104 0.85 -9.91 -15.62
N SER A 105 0.28 -10.30 -16.77
CA SER A 105 1.01 -10.19 -18.02
C SER A 105 1.36 -8.75 -18.34
N SER A 106 0.43 -7.83 -18.08
CA SER A 106 0.64 -6.43 -18.43
C SER A 106 1.60 -5.76 -17.46
N HIS A 107 1.37 -5.94 -16.16
CA HIS A 107 2.02 -5.12 -15.15
C HIS A 107 3.11 -5.82 -14.35
N GLY A 108 3.17 -7.16 -14.40
CA GLY A 108 3.98 -7.94 -13.47
C GLY A 108 3.34 -7.91 -12.09
N LEU A 109 4.09 -8.40 -11.11
CA LEU A 109 3.63 -8.43 -9.73
C LEU A 109 3.28 -7.05 -9.21
N GLY A 110 2.09 -6.91 -8.64
CA GLY A 110 1.68 -5.60 -8.18
C GLY A 110 0.33 -5.66 -7.50
N VAL A 111 -0.12 -4.48 -7.06
CA VAL A 111 -1.35 -4.35 -6.29
C VAL A 111 -2.54 -4.24 -7.25
N ARG A 112 -3.47 -5.17 -7.10
CA ARG A 112 -4.76 -5.11 -7.79
C ARG A 112 -5.78 -4.31 -7.00
N ALA A 113 -5.86 -4.52 -5.68
CA ALA A 113 -6.92 -3.87 -4.89
C ALA A 113 -6.36 -3.14 -3.67
N VAL A 114 -6.82 -1.90 -3.51
CA VAL A 114 -6.64 -1.14 -2.27
C VAL A 114 -7.99 -1.21 -1.58
N ALA A 115 -8.08 -1.95 -0.49
CA ALA A 115 -9.36 -2.20 0.16
C ALA A 115 -9.50 -1.33 1.40
N ILE A 116 -10.62 -0.62 1.49
CA ILE A 116 -10.95 0.18 2.66
C ILE A 116 -12.23 -0.37 3.27
N GLU A 117 -12.30 -0.36 4.60
CA GLU A 117 -13.53 -0.74 5.28
C GLU A 117 -14.44 0.46 5.38
N VAL A 118 -15.73 0.23 5.10
CA VAL A 118 -16.75 1.26 5.12
C VAL A 118 -17.94 0.73 5.92
N GLU A 119 -18.91 1.61 6.19
CA GLU A 119 -20.07 1.16 6.95
C GLU A 119 -20.97 0.27 6.11
N ASP A 120 -21.09 0.56 4.82
CA ASP A 120 -22.03 -0.13 3.95
C ASP A 120 -21.43 -0.14 2.55
N ALA A 121 -20.85 -1.29 2.16
CA ALA A 121 -20.20 -1.38 0.86
C ALA A 121 -21.17 -1.19 -0.30
N GLU A 122 -22.43 -1.62 -0.12
CA GLU A 122 -23.40 -1.43 -1.21
C GLU A 122 -23.73 0.05 -1.38
N SER A 123 -23.91 0.77 -0.27
CA SER A 123 -24.14 2.21 -0.35
C SER A 123 -22.92 2.92 -0.92
N ALA A 124 -21.71 2.59 -0.43
CA ALA A 124 -20.52 3.20 -0.98
C ALA A 124 -20.40 2.98 -2.48
N PHE A 125 -20.73 1.77 -2.94
CA PHE A 125 -20.65 1.49 -4.38
C PHE A 125 -21.64 2.36 -5.14
N SER A 126 -22.89 2.37 -4.69
CA SER A 126 -23.95 3.12 -5.36
C SER A 126 -23.62 4.61 -5.41
N ILE A 127 -23.23 5.18 -4.27
CA ILE A 127 -22.88 6.59 -4.22
C ILE A 127 -21.67 6.87 -5.10
N SER A 128 -20.67 5.98 -5.06
CA SER A 128 -19.49 6.21 -5.90
C SER A 128 -19.85 6.26 -7.37
N VAL A 129 -20.62 5.28 -7.84
CA VAL A 129 -20.94 5.19 -9.27
C VAL A 129 -21.86 6.34 -9.66
N ALA A 130 -22.80 6.72 -8.78
CA ALA A 130 -23.63 7.89 -9.03
C ALA A 130 -22.79 9.15 -9.17
N ASN A 131 -21.59 9.16 -8.59
CA ASN A 131 -20.71 10.32 -8.62
C ASN A 131 -19.49 10.09 -9.51
N GLY A 132 -19.61 9.21 -10.51
CA GLY A 132 -18.63 9.11 -11.56
C GLY A 132 -17.70 7.91 -11.50
N ALA A 133 -17.72 7.13 -10.41
CA ALA A 133 -16.85 5.96 -10.34
C ALA A 133 -17.20 4.96 -11.43
N ILE A 134 -16.18 4.39 -12.06
CA ILE A 134 -16.34 3.34 -13.07
C ILE A 134 -16.50 2.03 -12.31
N PRO A 135 -17.64 1.36 -12.42
CA PRO A 135 -17.82 0.12 -11.65
C PRO A 135 -16.89 -0.98 -12.15
N SER A 136 -16.39 -1.78 -11.20
CA SER A 136 -15.56 -2.91 -11.53
C SER A 136 -16.18 -4.23 -11.12
N SER A 137 -16.75 -4.32 -9.93
CA SER A 137 -17.46 -5.48 -9.46
C SER A 137 -18.59 -5.01 -8.56
N PRO A 138 -19.82 -5.44 -8.81
CA PRO A 138 -20.95 -4.92 -8.05
C PRO A 138 -20.96 -5.52 -6.65
N PRO A 139 -21.73 -4.93 -5.73
CA PRO A 139 -21.74 -5.44 -4.36
C PRO A 139 -22.23 -6.88 -4.33
N ILE A 140 -21.53 -7.71 -3.57
CA ILE A 140 -21.88 -9.10 -3.37
C ILE A 140 -21.83 -9.37 -1.87
N VAL A 141 -22.89 -9.98 -1.34
CA VAL A 141 -22.95 -10.32 0.07
C VAL A 141 -22.44 -11.75 0.25
N LEU A 142 -21.45 -11.91 1.13
CA LEU A 142 -20.82 -13.20 1.38
C LEU A 142 -21.32 -13.75 2.70
N ASN A 143 -21.99 -14.91 2.64
CA ASN A 143 -22.47 -15.62 3.82
C ASN A 143 -23.33 -14.72 4.71
N GLU A 144 -24.09 -13.81 4.11
CA GLU A 144 -24.92 -12.85 4.83
C GLU A 144 -24.13 -12.08 5.89
N ALA A 145 -22.85 -11.92 5.68
CA ALA A 145 -22.02 -11.38 6.76
C ALA A 145 -21.11 -10.25 6.32
N VAL A 146 -20.57 -10.33 5.10
CA VAL A 146 -19.64 -9.31 4.60
C VAL A 146 -20.10 -8.92 3.21
N THR A 147 -19.99 -7.64 2.89
CA THR A 147 -20.29 -7.15 1.54
C THR A 147 -19.02 -6.56 0.94
N ILE A 148 -18.74 -6.92 -0.31
CA ILE A 148 -17.58 -6.43 -1.04
C ILE A 148 -18.05 -5.85 -2.37
N ALA A 149 -17.44 -4.74 -2.77
CA ALA A 149 -17.71 -4.09 -4.05
C ALA A 149 -16.45 -3.38 -4.49
N GLU A 150 -16.32 -3.16 -5.80
CA GLU A 150 -15.09 -2.62 -6.37
C GLU A 150 -15.40 -1.60 -7.45
N VAL A 151 -14.65 -0.50 -7.43
CA VAL A 151 -14.69 0.49 -8.51
C VAL A 151 -13.26 0.74 -8.96
N LYS A 152 -13.11 1.25 -10.18
CA LYS A 152 -11.77 1.53 -10.69
C LYS A 152 -11.16 2.72 -9.95
N LEU A 153 -9.89 2.59 -9.60
CA LEU A 153 -9.15 3.66 -8.93
C LEU A 153 -8.23 4.39 -9.91
N TYR A 154 -7.26 3.68 -10.49
CA TYR A 154 -6.42 4.16 -11.57
C TYR A 154 -5.78 2.93 -12.21
N GLY A 155 -5.48 3.04 -13.50
CA GLY A 155 -4.96 1.90 -14.24
C GLY A 155 -5.86 0.69 -14.07
N ASP A 156 -5.26 -0.43 -13.69
CA ASP A 156 -6.00 -1.65 -13.39
C ASP A 156 -6.09 -1.92 -11.89
N VAL A 157 -5.89 -0.88 -11.08
CA VAL A 157 -6.04 -0.96 -9.64
C VAL A 157 -7.47 -0.59 -9.29
N VAL A 158 -8.08 -1.37 -8.40
CA VAL A 158 -9.43 -1.08 -7.94
C VAL A 158 -9.41 -0.60 -6.49
N LEU A 159 -10.37 0.25 -6.17
CA LEU A 159 -10.70 0.58 -4.78
C LEU A 159 -11.80 -0.38 -4.35
N ARG A 160 -11.51 -1.20 -3.35
CA ARG A 160 -12.41 -2.24 -2.90
C ARG A 160 -13.07 -1.79 -1.61
N TYR A 161 -14.41 -1.82 -1.58
CA TYR A 161 -15.17 -1.50 -0.39
C TYR A 161 -15.53 -2.79 0.33
N VAL A 162 -15.28 -2.84 1.64
CA VAL A 162 -15.63 -3.99 2.47
C VAL A 162 -16.43 -3.47 3.66
N SER A 163 -17.59 -4.09 3.91
CA SER A 163 -18.38 -3.73 5.10
C SER A 163 -18.83 -5.01 5.81
N TYR A 164 -18.87 -4.94 7.14
CA TYR A 164 -19.18 -6.10 7.97
C TYR A 164 -20.46 -5.85 8.75
N LYS A 165 -21.32 -6.86 8.82
CA LYS A 165 -22.50 -6.77 9.68
C LYS A 165 -22.09 -6.75 11.15
N ALA A 166 -21.18 -7.65 11.52
CA ALA A 166 -20.69 -7.73 12.89
C ALA A 166 -19.81 -6.52 13.22
N GLU A 167 -19.66 -6.25 14.52
CA GLU A 167 -18.87 -5.11 14.98
C GLU A 167 -18.03 -5.46 16.21
N GLU A 173 -11.06 -15.90 10.18
CA GLU A 173 -12.04 -14.98 9.62
C GLU A 173 -11.50 -14.31 8.35
N PHE A 174 -11.38 -12.98 8.38
CA PHE A 174 -11.03 -12.12 7.24
C PHE A 174 -12.21 -11.98 6.29
N LEU A 175 -12.45 -13.02 5.50
CA LEU A 175 -13.60 -13.09 4.62
C LEU A 175 -14.21 -14.48 4.77
N PRO A 176 -15.51 -14.60 4.54
CA PRO A 176 -16.11 -15.95 4.53
C PRO A 176 -15.40 -16.83 3.51
N GLY A 177 -15.27 -18.10 3.85
CA GLY A 177 -14.59 -19.02 2.98
C GLY A 177 -13.09 -19.08 3.18
N PHE A 178 -12.52 -18.11 3.88
CA PHE A 178 -11.12 -18.21 4.29
C PHE A 178 -11.05 -19.01 5.59
N GLU A 179 -10.01 -19.82 5.72
CA GLU A 179 -9.74 -20.56 6.94
C GLU A 179 -8.48 -20.04 7.63
N ARG A 180 -8.47 -20.11 8.97
CA ARG A 180 -7.27 -19.82 9.75
C ARG A 180 -6.30 -20.97 9.57
N VAL A 181 -5.15 -20.64 8.98
CA VAL A 181 -4.02 -21.54 8.82
C VAL A 181 -3.69 -22.26 10.14
N GLU A 182 -3.08 -23.43 10.02
CA GLU A 182 -2.67 -24.21 11.19
C GLU A 182 -1.54 -23.52 11.94
N ASP A 183 -1.52 -23.72 13.27
CA ASP A 183 -0.48 -23.11 14.11
C ASP A 183 0.92 -23.53 13.67
N ALA A 184 1.09 -24.79 13.29
CA ALA A 184 2.40 -25.28 12.86
C ALA A 184 2.91 -24.48 11.66
N SER A 185 2.00 -24.10 10.76
CA SER A 185 2.35 -23.30 9.59
C SER A 185 2.32 -21.81 9.87
N SER A 186 2.04 -21.39 11.10
CA SER A 186 1.88 -19.98 11.42
C SER A 186 2.93 -19.57 12.46
N PHE A 187 4.13 -19.27 11.98
CA PHE A 187 5.23 -18.79 12.82
C PHE A 187 4.99 -17.32 13.18
N PRO A 188 5.12 -16.94 14.49
CA PRO A 188 4.72 -15.57 14.90
C PRO A 188 5.80 -14.52 14.64
N LEU A 189 6.17 -14.36 13.37
CA LEU A 189 7.11 -13.31 12.99
C LEU A 189 6.51 -11.94 13.28
N ASP A 190 7.38 -11.00 13.68
CA ASP A 190 6.95 -9.62 13.92
C ASP A 190 8.18 -8.73 14.01
N TYR A 191 8.35 -7.82 13.04
CA TYR A 191 9.45 -6.87 13.07
C TYR A 191 8.98 -5.47 13.44
N GLY A 192 7.73 -5.32 13.86
CA GLY A 192 7.22 -4.06 14.36
C GLY A 192 6.24 -3.35 13.44
N ILE A 193 5.99 -3.85 12.24
CA ILE A 193 5.06 -3.18 11.36
C ILE A 193 3.64 -3.35 11.87
N ARG A 194 2.85 -2.25 11.82
CA ARG A 194 1.56 -2.24 12.49
C ARG A 194 0.37 -1.84 11.62
N ARG A 195 0.55 -0.98 10.61
CA ARG A 195 -0.60 -0.66 9.77
C ARG A 195 -0.14 -0.01 8.47
N LEU A 196 -1.07 0.07 7.52
CA LEU A 196 -0.86 0.80 6.28
C LEU A 196 -1.10 2.29 6.54
N ASP A 197 -0.09 3.10 6.26
CA ASP A 197 -0.24 4.53 6.45
C ASP A 197 -0.80 5.22 5.20
N HIS A 198 -0.26 4.90 4.03
CA HIS A 198 -0.79 5.47 2.79
C HIS A 198 -0.40 4.57 1.63
N ALA A 199 -1.14 4.72 0.53
CA ALA A 199 -0.97 3.94 -0.68
C ALA A 199 -0.96 4.91 -1.86
N VAL A 200 0.08 4.84 -2.67
CA VAL A 200 0.44 5.90 -3.61
C VAL A 200 0.32 5.38 -5.03
N GLY A 201 -0.35 6.13 -5.90
CA GLY A 201 -0.50 5.78 -7.29
C GLY A 201 0.35 6.63 -8.20
N ASN A 202 0.78 6.07 -9.32
CA ASN A 202 1.44 6.80 -10.40
C ASN A 202 0.51 6.85 -11.60
N VAL A 203 0.32 8.04 -12.17
CA VAL A 203 -0.55 8.22 -13.32
C VAL A 203 0.16 9.11 -14.34
N PRO A 204 -0.26 9.07 -15.60
CA PRO A 204 0.30 10.02 -16.57
C PRO A 204 -0.12 11.47 -16.34
N GLU A 205 -1.34 11.70 -15.86
CA GLU A 205 -1.85 13.06 -15.68
C GLU A 205 -2.53 13.18 -14.31
N LEU A 206 -1.95 14.00 -13.44
CA LEU A 206 -2.44 14.11 -12.07
C LEU A 206 -3.85 14.71 -12.01
N GLY A 207 -4.07 15.80 -12.74
CA GLY A 207 -5.31 16.54 -12.67
C GLY A 207 -6.54 15.68 -12.88
N PRO A 208 -6.62 15.00 -14.03
CA PRO A 208 -7.77 14.12 -14.26
C PRO A 208 -7.90 13.00 -13.24
N ALA A 209 -6.79 12.48 -12.74
CA ALA A 209 -6.88 11.40 -11.75
C ALA A 209 -7.47 11.92 -10.44
N LEU A 210 -7.00 13.07 -9.97
CA LEU A 210 -7.54 13.66 -8.74
C LEU A 210 -9.01 13.97 -8.89
N THR A 211 -9.39 14.63 -9.98
CA THR A 211 -10.79 14.99 -10.22
C THR A 211 -11.69 13.75 -10.19
N TYR A 212 -11.24 12.66 -10.81
CA TYR A 212 -12.02 11.43 -10.82
C TYR A 212 -12.19 10.87 -9.41
N VAL A 213 -11.08 10.60 -8.70
CA VAL A 213 -11.18 9.94 -7.41
C VAL A 213 -11.87 10.84 -6.39
N ALA A 214 -11.44 12.09 -6.28
CA ALA A 214 -12.10 13.00 -5.34
C ALA A 214 -13.57 13.19 -5.72
N GLY A 215 -13.87 13.07 -7.02
CA GLY A 215 -15.25 13.24 -7.47
C GLY A 215 -16.19 12.17 -6.94
N PHE A 216 -15.74 10.90 -6.91
CA PHE A 216 -16.67 9.86 -6.45
C PHE A 216 -16.53 9.53 -4.96
N THR A 217 -15.45 9.93 -4.30
CA THR A 217 -15.30 9.68 -2.87
C THR A 217 -15.68 10.85 -2.00
N GLY A 218 -15.53 12.07 -2.50
CA GLY A 218 -15.56 13.22 -1.63
C GLY A 218 -14.33 13.37 -0.78
N PHE A 219 -13.28 12.59 -1.03
CA PHE A 219 -12.02 12.81 -0.34
C PHE A 219 -11.48 14.19 -0.66
N HIS A 220 -10.88 14.83 0.35
CA HIS A 220 -10.35 16.18 0.19
C HIS A 220 -8.85 16.13 0.01
N GLN A 221 -8.30 17.24 -0.49
CA GLN A 221 -6.85 17.36 -0.62
C GLN A 221 -6.23 17.61 0.76
N PHE A 222 -5.29 16.74 1.12
CA PHE A 222 -4.62 16.84 2.41
C PHE A 222 -3.61 17.99 2.37
N ALA A 223 -3.52 18.72 3.49
CA ALA A 223 -2.69 19.92 3.55
C ALA A 223 -1.21 19.59 3.39
N GLU A 224 -0.55 20.27 2.45
CA GLU A 224 0.87 20.06 2.21
C GLU A 224 1.69 21.23 2.73
N GLU A 234 12.71 20.70 -9.03
CA GLU A 234 12.43 19.66 -10.01
C GLU A 234 13.00 18.31 -9.56
N SER A 235 12.14 17.45 -9.01
CA SER A 235 12.51 16.11 -8.61
C SER A 235 11.72 15.06 -9.36
N GLY A 236 11.21 15.39 -10.54
CA GLY A 236 10.61 14.42 -11.42
C GLY A 236 9.13 14.18 -11.26
N LEU A 237 8.47 14.83 -10.30
CA LEU A 237 7.06 14.55 -10.07
C LEU A 237 6.32 15.78 -9.58
N ASN A 238 5.02 15.79 -9.85
CA ASN A 238 4.04 16.54 -9.09
C ASN A 238 3.15 15.55 -8.35
N SER A 239 2.68 15.94 -7.18
CA SER A 239 1.89 15.04 -6.36
C SER A 239 0.81 15.81 -5.62
N ALA A 240 -0.21 15.07 -5.19
CA ALA A 240 -1.25 15.56 -4.31
C ALA A 240 -1.79 14.38 -3.52
N VAL A 241 -2.40 14.66 -2.38
CA VAL A 241 -2.86 13.62 -1.46
C VAL A 241 -4.35 13.80 -1.23
N LEU A 242 -5.12 12.74 -1.49
CA LEU A 242 -6.54 12.69 -1.15
C LEU A 242 -6.71 11.97 0.18
N ALA A 243 -7.62 12.48 1.02
CA ALA A 243 -7.78 11.97 2.38
C ALA A 243 -9.25 11.85 2.75
N SER A 244 -9.56 10.84 3.57
CA SER A 244 -10.90 10.69 4.13
C SER A 244 -11.11 11.74 5.23
N ASN A 245 -12.30 11.71 5.84
CA ASN A 245 -12.70 12.74 6.79
C ASN A 245 -11.72 12.87 7.97
N ASP A 246 -11.37 11.74 8.59
CA ASP A 246 -10.41 11.79 9.69
C ASP A 246 -8.96 11.64 9.22
N GLU A 247 -8.74 11.65 7.90
CA GLU A 247 -7.41 11.64 7.30
C GLU A 247 -6.64 10.38 7.69
N MET A 248 -7.36 9.28 7.92
CA MET A 248 -6.75 7.98 8.16
C MET A 248 -6.61 7.13 6.91
N VAL A 249 -7.44 7.35 5.90
CA VAL A 249 -7.25 6.77 4.58
C VAL A 249 -6.60 7.85 3.73
N LEU A 250 -5.38 7.59 3.26
CA LEU A 250 -4.56 8.58 2.56
C LEU A 250 -4.12 7.99 1.24
N LEU A 251 -4.45 8.69 0.15
CA LEU A 251 -4.18 8.21 -1.20
C LEU A 251 -3.45 9.29 -1.99
N PRO A 252 -2.13 9.38 -1.84
CA PRO A 252 -1.36 10.26 -2.72
C PRO A 252 -1.33 9.74 -4.15
N ILE A 253 -1.17 10.68 -5.09
CA ILE A 253 -1.06 10.37 -6.51
C ILE A 253 0.05 11.24 -7.10
N ASN A 254 0.91 10.64 -7.92
CA ASN A 254 2.02 11.29 -8.60
C ASN A 254 1.80 11.32 -10.10
N GLU A 255 2.28 12.38 -10.74
CA GLU A 255 2.46 12.42 -12.19
C GLU A 255 3.92 12.74 -12.50
N PRO A 256 4.42 12.38 -13.68
CA PRO A 256 5.79 12.72 -14.04
C PRO A 256 5.92 14.20 -14.41
N VAL A 257 7.15 14.69 -14.33
CA VAL A 257 7.53 15.99 -14.90
C VAL A 257 8.60 15.73 -15.96
N HIS A 258 8.28 16.06 -17.20
CA HIS A 258 9.10 15.67 -18.33
C HIS A 258 10.16 16.72 -18.66
N GLY A 259 11.22 16.26 -19.32
CA GLY A 259 12.28 17.15 -19.77
C GLY A 259 13.31 17.52 -18.73
N THR A 260 13.46 16.71 -17.68
CA THR A 260 14.36 17.02 -16.58
C THR A 260 15.76 16.45 -16.83
N LYS A 261 16.69 16.84 -15.96
CA LYS A 261 18.07 16.35 -16.03
C LYS A 261 18.09 14.84 -15.87
N ARG A 262 17.75 14.34 -14.68
CA ARG A 262 17.55 12.92 -14.48
C ARG A 262 16.14 12.53 -14.90
N LYS A 263 16.01 11.37 -15.54
CA LYS A 263 14.70 10.91 -16.01
C LYS A 263 13.77 10.69 -14.82
N SER A 264 12.52 11.11 -14.97
CA SER A 264 11.56 10.97 -13.89
C SER A 264 11.32 9.50 -13.56
N GLN A 265 11.45 9.16 -12.28
CA GLN A 265 11.13 7.82 -11.85
C GLN A 265 9.65 7.49 -12.02
N ILE A 266 8.78 8.51 -12.05
CA ILE A 266 7.37 8.25 -12.35
C ILE A 266 7.20 7.78 -13.79
N GLN A 267 7.94 8.38 -14.72
CA GLN A 267 7.84 7.98 -16.11
C GLN A 267 8.45 6.59 -16.33
N THR A 268 9.57 6.30 -15.68
CA THR A 268 10.11 4.94 -15.73
C THR A 268 9.09 3.94 -15.23
N TYR A 269 8.43 4.25 -14.11
CA TYR A 269 7.35 3.40 -13.61
C TYR A 269 6.32 3.14 -14.70
N LEU A 270 5.80 4.21 -15.29
CA LEU A 270 4.71 4.05 -16.25
C LEU A 270 5.15 3.22 -17.45
N GLU A 271 6.41 3.35 -17.85
CA GLU A 271 6.90 2.57 -18.98
C GLU A 271 7.01 1.10 -18.62
N HIS A 272 7.63 0.79 -17.48
CA HIS A 272 7.83 -0.61 -17.13
C HIS A 272 6.56 -1.28 -16.62
N ASN A 273 5.62 -0.50 -16.07
CA ASN A 273 4.36 -1.06 -15.60
C ASN A 273 3.32 -1.18 -16.68
N GLU A 274 3.58 -0.67 -17.88
CA GLU A 274 2.55 -0.49 -18.90
C GLU A 274 1.40 0.35 -18.38
N GLY A 275 1.73 1.52 -17.84
CA GLY A 275 0.75 2.53 -17.50
C GLY A 275 0.59 2.72 -16.00
N ALA A 276 -0.50 3.40 -15.66
CA ALA A 276 -0.78 3.76 -14.28
C ALA A 276 -0.92 2.53 -13.39
N GLY A 277 -0.58 2.71 -12.12
CA GLY A 277 -0.75 1.67 -11.13
C GLY A 277 -0.22 2.13 -9.79
N LEU A 278 -0.26 1.22 -8.81
CA LEU A 278 0.19 1.57 -7.47
C LEU A 278 1.71 1.60 -7.41
N GLN A 279 2.27 2.71 -6.93
CA GLN A 279 3.71 2.90 -6.86
C GLN A 279 4.29 2.39 -5.54
N HIS A 280 3.76 2.84 -4.41
CA HIS A 280 4.34 2.34 -3.16
C HIS A 280 3.30 2.26 -2.06
N LEU A 281 3.57 1.36 -1.13
CA LEU A 281 2.82 1.19 0.11
C LEU A 281 3.70 1.66 1.26
N ALA A 282 3.17 2.56 2.08
CA ALA A 282 3.90 3.03 3.24
C ALA A 282 3.35 2.36 4.49
N LEU A 283 4.23 1.65 5.20
CA LEU A 283 3.85 0.78 6.30
C LEU A 283 4.38 1.42 7.58
N MET A 284 3.47 1.76 8.50
CA MET A 284 3.85 2.35 9.76
C MET A 284 4.43 1.29 10.68
N SER A 285 5.58 1.60 11.28
CA SER A 285 6.23 0.79 12.30
C SER A 285 6.04 1.44 13.67
N GLU A 286 5.87 0.62 14.69
CA GLU A 286 5.91 1.10 16.08
C GLU A 286 7.32 1.34 16.56
N ASP A 287 8.33 0.89 15.82
CA ASP A 287 9.74 1.07 16.21
C ASP A 287 10.55 0.88 14.93
N ILE A 288 10.72 1.98 14.18
CA ILE A 288 11.34 1.87 12.87
C ILE A 288 12.77 1.39 12.97
N PHE A 289 13.44 1.64 14.11
CA PHE A 289 14.81 1.15 14.22
C PHE A 289 14.84 -0.36 14.33
N ARG A 290 13.93 -0.96 15.09
CA ARG A 290 13.86 -2.41 15.16
C ARG A 290 13.44 -2.99 13.83
N THR A 291 12.43 -2.39 13.20
CA THR A 291 11.98 -2.91 11.90
C THR A 291 13.12 -2.93 10.90
N LEU A 292 13.90 -1.86 10.82
CA LEU A 292 14.96 -1.79 9.83
C LEU A 292 16.12 -2.70 10.19
N ARG A 293 16.45 -2.80 11.48
CA ARG A 293 17.46 -3.80 11.87
C ARG A 293 17.04 -5.18 11.41
N GLU A 294 15.78 -5.56 11.63
CA GLU A 294 15.32 -6.90 11.31
C GLU A 294 15.23 -7.08 9.79
N MET A 295 14.74 -6.07 9.08
CA MET A 295 14.64 -6.21 7.62
C MET A 295 16.02 -6.25 6.97
N ARG A 296 16.95 -5.41 7.44
CA ARG A 296 18.27 -5.37 6.81
C ARG A 296 19.06 -6.64 7.08
N LYS A 297 18.84 -7.27 8.25
CA LYS A 297 19.46 -8.57 8.53
C LYS A 297 19.11 -9.60 7.47
N ARG A 298 17.92 -9.48 6.88
CA ARG A 298 17.39 -10.47 5.97
C ARG A 298 17.47 -10.09 4.51
N SER A 299 17.99 -8.91 4.17
CA SER A 299 18.00 -8.45 2.78
C SER A 299 18.63 -9.47 1.83
N SER A 300 19.73 -10.06 2.23
CA SER A 300 20.49 -10.94 1.35
C SER A 300 20.19 -12.41 1.55
N ILE A 301 19.23 -12.73 2.42
CA ILE A 301 18.82 -14.10 2.68
C ILE A 301 17.31 -14.23 2.48
N GLY A 302 16.81 -13.58 1.43
CA GLY A 302 15.46 -13.78 0.95
C GLY A 302 14.53 -12.61 1.17
N GLY A 303 14.96 -11.60 1.91
CA GLY A 303 14.11 -10.46 2.24
C GLY A 303 14.17 -9.35 1.20
N PHE A 304 14.10 -8.11 1.67
CA PHE A 304 14.05 -6.95 0.79
C PHE A 304 15.31 -6.12 0.94
N ASP A 305 15.73 -5.55 -0.18
CA ASP A 305 16.83 -4.60 -0.24
C ASP A 305 16.30 -3.19 -0.06
N PHE A 306 17.18 -2.30 0.39
CA PHE A 306 16.83 -0.90 0.57
C PHE A 306 17.60 -0.04 -0.41
N MET A 307 17.03 1.13 -0.74
CA MET A 307 17.71 2.10 -1.58
C MET A 307 19.07 2.46 -0.95
N PRO A 308 20.00 2.94 -1.76
CA PRO A 308 21.31 3.33 -1.21
C PRO A 308 21.16 4.44 -0.19
N SER A 309 21.90 4.32 0.91
CA SER A 309 21.78 5.28 2.00
C SER A 309 22.27 6.66 1.57
N PRO A 310 21.78 7.72 2.18
CA PRO A 310 22.28 9.06 1.88
C PRO A 310 23.70 9.21 2.37
N PRO A 311 24.45 10.19 1.86
CA PRO A 311 25.83 10.39 2.31
C PRO A 311 25.87 10.82 3.77
N PRO A 312 27.04 10.72 4.43
CA PRO A 312 27.11 11.09 5.85
C PRO A 312 26.79 12.54 6.11
N THR A 313 26.97 13.42 5.11
CA THR A 313 26.61 14.83 5.28
C THR A 313 25.13 14.99 5.60
N TYR A 314 24.28 14.17 5.00
CA TYR A 314 22.86 14.20 5.31
C TYR A 314 22.61 14.02 6.80
N TYR A 315 23.37 13.13 7.43
CA TYR A 315 23.17 12.89 8.86
C TYR A 315 23.85 13.94 9.71
N GLN A 316 24.95 14.53 9.23
CA GLN A 316 25.49 15.71 9.89
C GLN A 316 24.47 16.83 9.94
N ASN A 317 23.73 17.03 8.84
CA ASN A 317 22.74 18.09 8.74
C ASN A 317 21.45 17.78 9.47
N LEU A 318 21.30 16.58 10.04
CA LEU A 318 20.10 16.29 10.81
C LEU A 318 20.09 17.01 12.15
N LYS A 319 21.27 17.30 12.70
CA LYS A 319 21.34 17.99 13.98
C LYS A 319 20.60 19.33 13.92
N LYS A 320 20.89 20.13 12.89
CA LYS A 320 20.24 21.43 12.77
C LYS A 320 18.74 21.30 12.50
N ARG A 321 18.31 20.21 11.88
CA ARG A 321 16.92 20.11 11.46
C ARG A 321 16.02 19.46 12.50
N VAL A 322 16.51 18.43 13.21
CA VAL A 322 15.65 17.66 14.09
C VAL A 322 16.35 17.37 15.41
N GLY A 323 17.39 18.14 15.72
CA GLY A 323 18.10 17.97 16.98
C GLY A 323 17.23 18.13 18.22
N ASP A 324 16.07 18.76 18.07
CA ASP A 324 15.12 18.89 19.17
C ASP A 324 14.16 17.71 19.27
N VAL A 325 14.19 16.79 18.31
CA VAL A 325 13.31 15.63 18.30
C VAL A 325 14.08 14.35 18.53
N LEU A 326 15.27 14.22 17.94
CA LEU A 326 16.07 13.02 18.03
C LEU A 326 17.37 13.32 18.75
N SER A 327 17.75 12.43 19.65
CA SER A 327 19.04 12.54 20.32
C SER A 327 20.17 12.27 19.32
N ASP A 328 21.41 12.50 19.77
CA ASP A 328 22.55 12.16 18.93
C ASP A 328 22.66 10.66 18.72
N ASP A 329 22.36 9.88 19.76
CA ASP A 329 22.32 8.43 19.61
C ASP A 329 21.23 8.02 18.64
N GLN A 330 20.02 8.57 18.82
CA GLN A 330 18.91 8.28 17.91
C GLN A 330 19.20 8.76 16.50
N ILE A 331 19.96 9.85 16.36
CA ILE A 331 20.38 10.27 15.03
C ILE A 331 21.45 9.34 14.48
N LYS A 332 22.41 8.95 15.32
CA LYS A 332 23.45 8.01 14.87
C LYS A 332 22.84 6.69 14.42
N GLU A 333 21.79 6.25 15.10
CA GLU A 333 21.13 5.01 14.70
C GLU A 333 20.38 5.17 13.39
N CYS A 334 19.82 6.36 13.12
CA CYS A 334 19.30 6.63 11.78
C CYS A 334 20.38 6.48 10.73
N GLU A 335 21.61 6.90 11.05
CA GLU A 335 22.68 6.87 10.05
C GLU A 335 23.10 5.45 9.69
N GLU A 336 23.17 4.55 10.68
CA GLU A 336 23.61 3.20 10.36
C GLU A 336 22.55 2.43 9.59
N LEU A 337 21.28 2.75 9.79
CA LEU A 337 20.18 2.07 9.14
C LEU A 337 19.73 2.75 7.85
N GLY A 338 20.31 3.89 7.50
CA GLY A 338 19.93 4.60 6.29
C GLY A 338 18.58 5.26 6.35
N ILE A 339 18.07 5.56 7.54
CA ILE A 339 16.75 6.17 7.70
C ILE A 339 16.80 7.64 7.31
N LEU A 340 15.74 8.10 6.65
CA LEU A 340 15.54 9.50 6.27
C LEU A 340 14.63 10.19 7.28
N VAL A 341 14.84 11.50 7.45
CA VAL A 341 14.03 12.29 8.39
C VAL A 341 13.53 13.54 7.68
N ASP A 342 12.24 13.80 7.81
CA ASP A 342 11.66 15.06 7.35
C ASP A 342 10.74 15.59 8.43
N ARG A 343 10.37 16.86 8.27
CA ARG A 343 9.60 17.55 9.28
C ARG A 343 8.72 18.58 8.60
N ASP A 344 7.47 18.68 9.05
CA ASP A 344 6.59 19.76 8.67
C ASP A 344 6.43 20.72 9.85
N ASP A 345 5.32 21.45 9.90
CA ASP A 345 5.01 22.34 11.01
C ASP A 345 4.32 21.63 12.17
N GLN A 346 3.84 20.41 11.97
CA GLN A 346 3.08 19.68 12.97
C GLN A 346 3.84 18.51 13.59
N GLY A 347 4.61 17.77 12.79
CA GLY A 347 5.32 16.61 13.30
C GLY A 347 6.57 16.25 12.52
N THR A 348 7.20 15.12 12.88
CA THR A 348 8.43 14.66 12.26
C THR A 348 8.22 13.25 11.70
N LEU A 349 8.85 12.98 10.57
CA LEU A 349 8.71 11.72 9.85
C LEU A 349 10.06 11.03 9.73
N LEU A 350 10.10 9.76 10.13
CA LEU A 350 11.21 8.88 9.83
C LEU A 350 10.76 7.93 8.71
N GLN A 351 11.57 7.80 7.65
CA GLN A 351 11.14 6.99 6.50
C GLN A 351 12.35 6.36 5.82
N ILE A 352 12.08 5.28 5.07
CA ILE A 352 13.10 4.66 4.25
C ILE A 352 12.36 3.86 3.17
N PHE A 353 13.01 3.66 2.04
CA PHE A 353 12.39 3.02 0.88
C PHE A 353 13.13 1.77 0.49
N THR A 354 12.37 0.72 0.20
CA THR A 354 12.96 -0.48 -0.36
C THR A 354 13.27 -0.29 -1.84
N LYS A 355 14.15 -1.15 -2.36
CA LYS A 355 14.24 -1.34 -3.78
C LYS A 355 12.94 -1.99 -4.26
N PRO A 356 12.67 -1.98 -5.57
CA PRO A 356 11.44 -2.59 -6.07
C PRO A 356 11.24 -4.00 -5.54
N LEU A 357 9.96 -4.35 -5.33
CA LEU A 357 9.61 -5.60 -4.70
C LEU A 357 9.77 -6.81 -5.60
N GLY A 358 9.77 -6.61 -6.92
CA GLY A 358 9.91 -7.72 -7.85
C GLY A 358 10.81 -7.39 -9.02
N ASP A 359 10.59 -8.06 -10.16
CA ASP A 359 11.49 -7.92 -11.31
C ASP A 359 11.50 -6.51 -11.87
N ARG A 360 10.35 -5.84 -11.91
CA ARG A 360 10.26 -4.59 -12.64
C ARG A 360 10.52 -3.41 -11.71
N PRO A 361 11.08 -2.30 -12.25
CA PRO A 361 11.31 -1.09 -11.42
C PRO A 361 10.02 -0.31 -11.24
N THR A 362 9.08 -0.93 -10.51
CA THR A 362 7.73 -0.38 -10.40
C THR A 362 7.38 -0.22 -8.92
N ILE A 363 6.72 -1.21 -8.31
CA ILE A 363 6.25 -1.07 -6.93
C ILE A 363 7.40 -1.23 -5.94
N PHE A 364 7.37 -0.45 -4.87
CA PHE A 364 8.28 -0.58 -3.74
C PHE A 364 7.52 -0.30 -2.45
N ILE A 365 8.21 -0.45 -1.32
CA ILE A 365 7.62 -0.26 -0.01
C ILE A 365 8.38 0.86 0.71
N GLU A 366 7.65 1.63 1.49
CA GLU A 366 8.21 2.63 2.39
C GLU A 366 7.90 2.18 3.81
N ILE A 367 8.91 2.23 4.68
CA ILE A 367 8.69 2.04 6.11
C ILE A 367 8.74 3.42 6.76
N ILE A 368 7.79 3.71 7.64
CA ILE A 368 7.70 5.02 8.26
C ILE A 368 7.35 4.90 9.74
N GLN A 369 7.72 5.95 10.47
CA GLN A 369 7.21 6.16 11.82
C GLN A 369 7.09 7.66 12.02
N ARG A 370 5.98 8.06 12.64
CA ARG A 370 5.62 9.47 12.80
C ARG A 370 5.68 9.85 14.27
N VAL A 371 6.18 11.04 14.55
CA VAL A 371 6.26 11.52 15.93
C VAL A 371 5.65 12.91 16.00
N GLY A 372 4.70 13.08 16.93
CA GLY A 372 4.02 14.34 17.14
C GLY A 372 2.54 14.23 16.86
N CYS A 373 1.88 15.39 16.79
CA CYS A 373 0.46 15.49 16.50
C CYS A 373 -0.37 14.58 17.41
N MET A 374 -0.11 14.68 18.71
CA MET A 374 -0.87 13.91 19.69
C MET A 374 -2.14 14.65 20.08
N MET A 375 -3.26 13.93 20.07
CA MET A 375 -4.54 14.49 20.47
C MET A 375 -5.13 13.70 21.64
N TYR A 383 -4.45 9.56 20.77
CA TYR A 383 -4.29 9.14 19.38
C TYR A 383 -3.45 10.13 18.59
N GLN A 384 -2.86 9.66 17.50
CA GLN A 384 -2.06 10.50 16.60
C GLN A 384 -2.87 10.80 15.35
N SER A 385 -2.93 12.07 14.97
CA SER A 385 -3.67 12.44 13.77
C SER A 385 -2.95 11.95 12.52
N GLY A 386 -3.73 11.79 11.45
CA GLY A 386 -3.19 11.18 10.25
C GLY A 386 -2.24 12.11 9.49
N GLY A 387 -1.24 11.49 8.87
CA GLY A 387 -0.30 12.26 8.06
C GLY A 387 0.65 13.13 8.85
N CYS A 388 0.77 12.91 10.16
CA CYS A 388 1.65 13.70 11.00
C CYS A 388 3.09 13.71 10.47
N GLY A 389 3.58 14.89 10.10
CA GLY A 389 4.93 15.03 9.58
C GLY A 389 5.01 15.06 8.07
N GLY A 390 3.93 14.73 7.38
CA GLY A 390 3.90 14.82 5.93
C GLY A 390 4.28 13.53 5.24
N TYR A 391 4.93 13.64 4.08
CA TYR A 391 5.25 12.48 3.27
C TYR A 391 6.71 12.45 2.85
N GLY A 392 7.53 13.38 3.33
CA GLY A 392 8.94 13.37 3.05
C GLY A 392 9.35 14.20 1.86
N LYS A 393 8.47 15.10 1.39
CA LYS A 393 8.80 15.91 0.22
C LYS A 393 10.03 16.76 0.47
N GLY A 394 10.28 17.15 1.72
CA GLY A 394 11.49 17.89 2.05
C GLY A 394 12.77 17.11 1.85
N ASN A 395 12.69 15.78 1.76
CA ASN A 395 13.87 14.97 1.56
C ASN A 395 14.37 14.99 0.13
N PHE A 396 13.61 15.51 -0.81
CA PHE A 396 14.14 15.70 -2.16
C PHE A 396 15.21 16.78 -2.18
N SER A 397 14.93 17.92 -1.53
CA SER A 397 15.92 19.00 -1.48
C SER A 397 17.10 18.63 -0.59
N GLU A 398 16.84 17.99 0.56
CA GLU A 398 17.91 17.65 1.48
C GLU A 398 18.84 16.59 0.91
N LEU A 399 18.31 15.68 0.09
CA LEU A 399 19.15 14.65 -0.52
C LEU A 399 20.06 15.26 -1.58
N PHE A 400 19.51 16.11 -2.45
CA PHE A 400 20.33 16.78 -3.45
C PHE A 400 21.39 17.66 -2.79
N LYS A 401 20.99 18.37 -1.73
CA LYS A 401 21.96 19.18 -0.98
C LYS A 401 23.07 18.30 -0.40
N SER A 402 22.69 17.20 0.25
CA SER A 402 23.68 16.30 0.85
C SER A 402 24.54 15.63 -0.21
N ILE A 403 23.99 15.39 -1.40
CA ILE A 403 24.74 14.72 -2.46
C ILE A 403 25.94 15.57 -2.86
N GLU A 404 25.71 16.83 -3.19
CA GLU A 404 26.81 17.70 -3.60
C GLU A 404 27.71 18.08 -2.42
N GLU A 405 27.14 18.15 -1.21
CA GLU A 405 27.92 18.51 -0.04
C GLU A 405 29.00 17.46 0.25
N TYR A 406 28.61 16.19 0.22
CA TYR A 406 29.58 15.11 0.43
C TYR A 406 30.46 14.85 -0.78
N GLU A 407 30.19 15.49 -1.91
CA GLU A 407 30.99 15.32 -3.11
C GLU A 407 32.32 16.06 -2.98
CO CO B . 5.25 7.83 0.90
C10 94L C . 8.41 9.88 -1.22
C13 94L C . 10.54 10.83 -0.70
C15 94L C . 10.37 9.25 -2.50
C17 94L C . 10.96 8.53 -3.50
C20 94L C . 12.90 7.88 -4.78
C21 94L C . 13.00 9.49 -2.96
C24 94L C . 13.15 6.53 -4.59
C26 94L C . 14.13 6.35 -6.77
C28 94L C . 13.28 8.47 -6.00
C1 94L C . 3.37 11.16 -1.55
C2 94L C . 3.79 12.55 -1.99
C3 94L C . 4.87 12.44 -3.06
C4 94L C . 6.05 11.73 -2.43
C5 94L C . 5.78 10.56 -1.46
C6 94L C . 4.55 10.35 -1.02
O7 94L C . 4.26 9.27 -0.16
O8 94L C . 7.15 12.09 -2.68
C9 94L C . 6.92 9.71 -0.90
O11 94L C . 6.65 8.85 -0.12
C12 94L C . 9.18 10.72 -0.44
C14 94L C . 11.13 10.10 -1.73
C16 94L C . 9.00 9.14 -2.24
N18 94L C . 12.26 8.66 -3.73
O19 94L C . 10.32 7.81 -4.18
O22 94L C . 14.17 9.61 -3.16
N23 94L C . 12.42 10.21 -1.96
C25 94L C . 13.76 5.77 -5.57
C27 94L C . 13.89 7.70 -6.98
C29 94L C . 12.77 5.82 -3.29
C30 94L C . 13.02 9.95 -6.27
C31 94L C . 13.23 11.10 -1.15
#